data_6BCI
#
_entry.id   6BCI
#
_cell.length_a   117.530
_cell.length_b   43.610
_cell.length_c   105.710
_cell.angle_alpha   90.00
_cell.angle_beta   105.94
_cell.angle_gamma   90.00
#
_symmetry.space_group_name_H-M   'C 1 2 1'
#
loop_
_entity.id
_entity.type
_entity.pdbx_description
1 polymer 'Ribosomal protein 3/homing endonuclease-like fusion protein'
2 polymer 'DNA (27-MER)'
3 polymer 'DNA (27-MER)'
4 non-polymer 'CALCIUM ION'
5 water water
#
loop_
_entity_poly.entity_id
_entity_poly.type
_entity_poly.pdbx_seq_one_letter_code
_entity_poly.pdbx_strand_id
1 'polypeptide(L)'
;SYSTLANFPVQARNDNISPWTITGFADAESSFMLTVSKDSKRNTGWSVRPRFRIGLHNKDVTILKSIREYLGAGIITSDI
DARIRFESLKELEVVINHFDKYPLITQKRADYLLFKKAFYLIKNKEHLTEEGLNQILTLKASLNLGLSEELKEAFPNTIP
AERLLVTGQEIPDSNWVAGFTAGEGSFYIRIAKNSTLKTGYQVQSVFQITQDTRDIELMKNLISYLNCGNIRIRKYKGSE
GIHDTCVDLVVTNLNDIKEKIIPFFNKNHIIGVKLQDYRDWCKVVTLIDNKEHLTSEGLEKIQKIKEGMNRGRSL
;
A
2 'polydeoxyribonucleotide'
;(DG)(DG)(DT)(DC)(DT)(DA)(DA)(DA)(DC)(DG)(DT)(DC)(DG)(DG)(DT)(DT)(DA)(DG)(DG)(DA)
(DG)(DC)(DA)(DT)(DT)(DT)(DG)
;
B
3 'polydeoxyribonucleotide'
;(DC)(DA)(DA)(DA)(DT)(DG)(DC)(DT)(DC)(DC)(DT)(DA)(DA)(DC)(DC)(DG)(DA)(DC)(DG)(DT)
(DT)(DT)(DA)(DG)(DA)(DC)(DC)
;
D
#
# COMPACT_ATOMS: atom_id res chain seq x y z
N ASP A 15 7.57 -14.81 -14.49
CA ASP A 15 6.28 -14.26 -14.92
C ASP A 15 6.21 -12.76 -14.66
N ASN A 16 5.64 -12.02 -15.60
CA ASN A 16 5.57 -10.57 -15.49
C ASN A 16 4.38 -10.11 -14.65
N ILE A 17 4.52 -8.92 -14.07
CA ILE A 17 3.52 -8.37 -13.16
C ILE A 17 2.50 -7.53 -13.93
N SER A 18 1.30 -7.37 -13.36
CA SER A 18 0.27 -6.53 -13.95
C SER A 18 0.45 -5.07 -13.56
N PRO A 19 0.13 -4.15 -14.49
CA PRO A 19 0.22 -2.71 -14.20
C PRO A 19 -0.71 -2.28 -13.06
N TRP A 20 -1.92 -2.83 -13.04
CA TRP A 20 -2.87 -2.51 -11.99
C TRP A 20 -2.43 -3.07 -10.64
N THR A 21 -1.65 -4.15 -10.67
CA THR A 21 -1.09 -4.69 -9.44
C THR A 21 -0.08 -3.71 -8.88
N ILE A 22 0.75 -3.18 -9.77
CA ILE A 22 1.70 -2.14 -9.42
C ILE A 22 0.97 -0.93 -8.85
N THR A 23 -0.13 -0.53 -9.47
CA THR A 23 -0.89 0.63 -9.00
C THR A 23 -1.52 0.38 -7.62
N GLY A 24 -2.10 -0.80 -7.42
CA GLY A 24 -2.69 -1.13 -6.13
C GLY A 24 -1.66 -1.13 -5.02
N PHE A 25 -0.54 -1.80 -5.30
CA PHE A 25 0.55 -1.89 -4.35
C PHE A 25 1.11 -0.51 -4.04
N ALA A 26 1.11 0.37 -5.04
CA ALA A 26 1.57 1.74 -4.86
C ALA A 26 0.59 2.54 -3.99
N ASP A 27 -0.70 2.31 -4.22
CA ASP A 27 -1.75 2.90 -3.39
C ASP A 27 -1.52 2.52 -1.94
N ALA A 28 -1.00 1.30 -1.76
CA ALA A 28 -0.69 0.81 -0.42
C ALA A 28 0.59 1.41 0.18
N GLU A 29 1.71 1.30 -0.53
CA GLU A 29 3.02 1.44 0.10
C GLU A 29 3.91 2.58 -0.42
N SER A 30 3.53 3.18 -1.54
CA SER A 30 4.43 4.14 -2.19
C SER A 30 4.38 5.51 -1.54
N SER A 31 5.19 6.43 -2.04
CA SER A 31 5.21 7.79 -1.53
C SER A 31 5.71 8.81 -2.56
N PHE A 32 4.97 9.90 -2.67
CA PHE A 32 5.32 11.03 -3.53
C PHE A 32 5.81 12.19 -2.67
N MET A 33 7.03 12.65 -2.92
CA MET A 33 7.67 13.62 -2.03
C MET A 33 8.28 14.83 -2.74
N LEU A 34 8.36 15.93 -2.02
CA LEU A 34 9.04 17.14 -2.49
C LEU A 34 10.01 17.62 -1.43
N THR A 35 11.29 17.65 -1.76
CA THR A 35 12.28 18.15 -0.82
C THR A 35 12.72 19.56 -1.20
N VAL A 36 12.51 20.46 -0.26
CA VAL A 36 12.94 21.85 -0.37
C VAL A 36 13.93 22.16 0.74
N SER A 37 15.22 22.25 0.38
CA SER A 37 16.26 22.44 1.39
C SER A 37 17.17 23.62 1.06
N LYS A 38 17.50 24.43 2.06
CA LYS A 38 18.36 25.59 1.84
C LYS A 38 19.72 25.19 1.29
N ASP A 39 20.00 25.62 0.05
CA ASP A 39 21.29 25.37 -0.58
C ASP A 39 21.96 26.70 -0.93
N SER A 40 23.07 27.00 -0.26
CA SER A 40 23.78 28.25 -0.45
C SER A 40 24.42 28.36 -1.83
N LYS A 41 24.66 27.20 -2.45
CA LYS A 41 25.31 27.16 -3.75
C LYS A 41 24.32 27.31 -4.90
N ARG A 42 23.12 27.79 -4.58
CA ARG A 42 22.09 28.01 -5.60
C ARG A 42 21.60 29.45 -5.62
N ASN A 43 21.11 29.86 -6.78
CA ASN A 43 20.70 31.25 -6.99
C ASN A 43 19.49 31.64 -6.14
N THR A 44 18.51 30.76 -6.05
CA THR A 44 17.34 31.04 -5.21
C THR A 44 17.68 30.81 -3.74
N GLY A 45 18.78 30.12 -3.50
CA GLY A 45 19.18 29.79 -2.14
C GLY A 45 18.49 28.53 -1.67
N TRP A 46 17.76 27.88 -2.58
CA TRP A 46 17.01 26.69 -2.23
C TRP A 46 17.14 25.59 -3.29
N SER A 47 17.15 24.36 -2.82
CA SER A 47 17.14 23.18 -3.67
C SER A 47 15.76 22.53 -3.63
N VAL A 48 15.18 22.36 -4.81
CA VAL A 48 13.88 21.74 -4.96
C VAL A 48 14.01 20.46 -5.77
N ARG A 49 13.55 19.34 -5.20
CA ARG A 49 13.62 18.10 -5.95
C ARG A 49 12.46 17.17 -5.62
N PRO A 50 11.84 16.59 -6.66
CA PRO A 50 10.73 15.64 -6.52
C PRO A 50 11.24 14.21 -6.43
N ARG A 51 10.58 13.41 -5.60
CA ARG A 51 10.94 12.00 -5.45
C ARG A 51 9.70 11.12 -5.51
N PHE A 52 9.85 9.95 -6.11
CA PHE A 52 8.87 8.90 -5.88
C PHE A 52 9.61 7.71 -5.29
N ARG A 53 9.00 7.04 -4.32
CA ARG A 53 9.73 5.97 -3.64
C ARG A 53 8.83 4.88 -3.11
N ILE A 54 9.34 3.64 -3.07
CA ILE A 54 8.69 2.55 -2.36
C ILE A 54 9.69 1.84 -1.46
N GLY A 55 9.36 1.80 -0.16
CA GLY A 55 10.23 1.20 0.83
C GLY A 55 9.55 0.04 1.55
N LEU A 56 10.22 -1.11 1.52
CA LEU A 56 9.70 -2.34 2.11
C LEU A 56 10.74 -2.96 3.02
N HIS A 57 10.33 -4.02 3.74
CA HIS A 57 11.29 -4.86 4.44
C HIS A 57 12.19 -5.52 3.41
N ASN A 58 13.46 -5.73 3.78
CA ASN A 58 14.43 -6.39 2.90
C ASN A 58 13.89 -7.66 2.23
N LYS A 59 13.13 -8.45 2.99
CA LYS A 59 12.65 -9.75 2.52
C LYS A 59 11.76 -9.66 1.29
N ASP A 60 11.35 -8.46 0.90
CA ASP A 60 10.52 -8.31 -0.29
C ASP A 60 11.20 -7.56 -1.43
N VAL A 61 12.53 -7.52 -1.42
CA VAL A 61 13.32 -6.94 -2.50
C VAL A 61 12.78 -7.34 -3.87
N THR A 62 12.44 -8.62 -4.02
CA THR A 62 11.98 -9.16 -5.29
C THR A 62 10.80 -8.38 -5.86
N ILE A 63 9.85 -8.02 -5.01
CA ILE A 63 8.72 -7.21 -5.45
C ILE A 63 9.21 -5.98 -6.19
N LEU A 64 10.13 -5.26 -5.56
CA LEU A 64 10.71 -4.06 -6.16
C LEU A 64 11.31 -4.39 -7.51
N LYS A 65 12.06 -5.50 -7.57
CA LYS A 65 12.69 -5.90 -8.82
C LYS A 65 11.63 -6.05 -9.90
N SER A 66 10.53 -6.70 -9.54
CA SER A 66 9.45 -6.91 -10.50
C SER A 66 8.98 -5.58 -11.05
N ILE A 67 8.76 -4.62 -10.14
CA ILE A 67 8.35 -3.29 -10.54
C ILE A 67 9.39 -2.69 -11.47
N ARG A 68 10.66 -2.81 -11.07
CA ARG A 68 11.77 -2.32 -11.88
C ARG A 68 11.74 -2.92 -13.28
N GLU A 69 11.38 -4.20 -13.36
CA GLU A 69 11.36 -4.90 -14.63
C GLU A 69 10.24 -4.40 -15.52
N TYR A 70 9.14 -3.95 -14.91
CA TYR A 70 7.98 -3.56 -15.71
C TYR A 70 8.14 -2.14 -16.25
N LEU A 71 8.60 -1.23 -15.40
CA LEU A 71 8.69 0.18 -15.76
C LEU A 71 9.98 0.52 -16.49
N GLY A 72 11.00 -0.30 -16.30
CA GLY A 72 12.30 -0.06 -16.90
C GLY A 72 12.96 1.17 -16.33
N ALA A 73 12.68 1.44 -15.06
CA ALA A 73 13.26 2.60 -14.36
C ALA A 73 13.21 2.38 -12.86
N GLY A 74 14.06 3.08 -12.13
CA GLY A 74 14.11 2.96 -10.69
C GLY A 74 15.43 2.44 -10.19
N ILE A 75 15.87 2.95 -9.04
CA ILE A 75 17.10 2.46 -8.42
C ILE A 75 16.74 1.66 -7.17
N ILE A 76 17.20 0.41 -7.12
CA ILE A 76 16.92 -0.47 -5.98
C ILE A 76 18.12 -0.58 -5.06
N THR A 77 17.90 -0.28 -3.78
CA THR A 77 18.93 -0.47 -2.75
C THR A 77 18.40 -1.37 -1.64
N SER A 78 19.33 -1.91 -0.84
CA SER A 78 18.97 -2.75 0.30
C SER A 78 19.98 -2.63 1.43
N ASP A 79 19.56 -1.99 2.52
CA ASP A 79 20.40 -1.85 3.70
C ASP A 79 19.60 -2.24 4.94
N ILE A 80 19.11 -1.26 5.68
CA ILE A 80 18.21 -1.55 6.80
C ILE A 80 16.83 -1.89 6.25
N ASP A 81 16.56 -1.41 5.04
CA ASP A 81 15.34 -1.78 4.33
C ASP A 81 15.62 -1.84 2.84
N ALA A 82 14.61 -2.21 2.05
CA ALA A 82 14.75 -2.25 0.60
C ALA A 82 13.97 -1.10 -0.01
N ARG A 83 14.60 -0.35 -0.90
CA ARG A 83 13.91 0.78 -1.52
C ARG A 83 14.08 0.80 -3.03
N ILE A 84 13.00 1.10 -3.74
CA ILE A 84 13.13 1.50 -5.13
C ILE A 84 12.79 2.98 -5.21
N ARG A 85 13.68 3.76 -5.83
CA ARG A 85 13.49 5.20 -5.88
C ARG A 85 13.59 5.75 -7.30
N PHE A 86 12.82 6.80 -7.55
CA PHE A 86 12.80 7.53 -8.81
C PHE A 86 13.01 9.00 -8.48
N GLU A 87 14.14 9.56 -8.90
CA GLU A 87 14.47 10.93 -8.50
C GLU A 87 14.86 11.82 -9.68
N SER A 88 15.44 11.23 -10.72
CA SER A 88 15.80 11.97 -11.92
C SER A 88 14.56 12.29 -12.74
N LEU A 89 14.70 13.18 -13.72
CA LEU A 89 13.56 13.60 -14.53
C LEU A 89 12.99 12.45 -15.37
N LYS A 90 13.86 11.68 -16.03
CA LYS A 90 13.43 10.59 -16.91
C LYS A 90 12.61 9.52 -16.17
N GLU A 91 13.17 9.05 -15.06
CA GLU A 91 12.50 8.04 -14.22
C GLU A 91 11.11 8.53 -13.79
N LEU A 92 11.06 9.78 -13.37
CA LEU A 92 9.80 10.38 -12.95
C LEU A 92 8.83 10.49 -14.12
N GLU A 93 9.34 10.69 -15.32
CA GLU A 93 8.50 10.67 -16.51
C GLU A 93 7.86 9.29 -16.66
N VAL A 94 8.66 8.24 -16.43
CA VAL A 94 8.14 6.87 -16.49
C VAL A 94 7.00 6.68 -15.47
N VAL A 95 7.25 7.12 -14.25
CA VAL A 95 6.26 7.05 -13.17
C VAL A 95 4.95 7.75 -13.55
N ILE A 96 5.06 9.02 -13.93
CA ILE A 96 3.92 9.83 -14.32
C ILE A 96 3.15 9.20 -15.47
N ASN A 97 3.87 8.65 -16.44
CA ASN A 97 3.21 7.94 -17.54
C ASN A 97 2.37 6.79 -17.01
N HIS A 98 2.97 5.97 -16.14
CA HIS A 98 2.27 4.82 -15.61
C HIS A 98 1.01 5.20 -14.83
N PHE A 99 1.14 6.15 -13.90
CA PHE A 99 0.00 6.51 -13.06
C PHE A 99 -1.02 7.40 -13.79
N ASP A 100 -0.64 7.95 -14.94
CA ASP A 100 -1.61 8.64 -15.77
C ASP A 100 -2.42 7.61 -16.54
N LYS A 101 -1.75 6.54 -16.97
CA LYS A 101 -2.46 5.46 -17.63
C LYS A 101 -3.24 4.62 -16.61
N TYR A 102 -2.65 4.41 -15.44
CA TYR A 102 -3.26 3.57 -14.41
C TYR A 102 -3.36 4.32 -13.08
N PRO A 103 -4.42 5.13 -12.92
CA PRO A 103 -4.56 6.05 -11.79
C PRO A 103 -4.78 5.38 -10.44
N LEU A 104 -4.18 5.96 -9.40
CA LEU A 104 -4.45 5.60 -8.01
C LEU A 104 -5.90 5.93 -7.67
N ILE A 105 -6.45 5.31 -6.63
CA ILE A 105 -7.83 5.58 -6.25
C ILE A 105 -8.02 5.85 -4.76
N THR A 106 -6.95 5.74 -3.97
CA THR A 106 -7.01 6.17 -2.57
C THR A 106 -6.76 7.68 -2.52
N GLN A 107 -6.67 8.22 -1.31
CA GLN A 107 -6.40 9.65 -1.14
C GLN A 107 -5.03 10.02 -1.66
N LYS A 108 -4.15 9.03 -1.76
CA LYS A 108 -2.79 9.24 -2.27
C LYS A 108 -2.79 9.83 -3.67
N ARG A 109 -3.83 9.51 -4.46
CA ARG A 109 -4.01 10.11 -5.77
C ARG A 109 -3.90 11.62 -5.69
N ALA A 110 -4.54 12.21 -4.69
CA ALA A 110 -4.49 13.64 -4.46
C ALA A 110 -3.03 14.08 -4.39
N ASP A 111 -2.26 13.43 -3.53
CA ASP A 111 -0.84 13.70 -3.38
C ASP A 111 -0.18 13.67 -4.76
N TYR A 112 -0.46 12.60 -5.51
CA TYR A 112 0.10 12.42 -6.85
C TYR A 112 -0.12 13.68 -7.67
N LEU A 113 -1.37 14.15 -7.70
CA LEU A 113 -1.69 15.33 -8.52
C LEU A 113 -0.79 16.49 -8.13
N LEU A 114 -0.68 16.75 -6.83
CA LEU A 114 0.19 17.83 -6.36
C LEU A 114 1.59 17.59 -6.89
N PHE A 115 2.10 16.38 -6.64
CA PHE A 115 3.41 15.98 -7.09
C PHE A 115 3.54 16.26 -8.58
N LYS A 116 2.54 15.81 -9.33
CA LYS A 116 2.54 15.96 -10.78
C LYS A 116 2.75 17.43 -11.13
N LYS A 117 1.96 18.30 -10.52
CA LYS A 117 2.05 19.73 -10.80
C LYS A 117 3.49 20.18 -10.59
N ALA A 118 4.02 19.85 -9.41
CA ALA A 118 5.36 20.26 -9.03
C ALA A 118 6.36 19.78 -10.06
N PHE A 119 6.16 18.54 -10.52
CA PHE A 119 7.07 17.94 -11.48
C PHE A 119 7.19 18.85 -12.70
N TYR A 120 6.04 19.27 -13.24
CA TYR A 120 6.06 20.04 -14.46
C TYR A 120 6.64 21.43 -14.25
N LEU A 121 6.59 21.91 -13.01
CA LEU A 121 7.20 23.21 -12.70
C LEU A 121 8.71 23.06 -12.71
N ILE A 122 9.18 21.90 -12.28
CA ILE A 122 10.62 21.65 -12.19
C ILE A 122 11.19 21.27 -13.55
N LYS A 123 10.43 20.48 -14.30
CA LYS A 123 10.82 20.08 -15.66
C LYS A 123 10.99 21.29 -16.57
N ASN A 124 10.10 22.27 -16.43
CA ASN A 124 10.18 23.48 -17.21
C ASN A 124 11.08 24.52 -16.56
N LYS A 125 11.82 24.10 -15.52
CA LYS A 125 12.85 24.89 -14.88
C LYS A 125 12.38 26.19 -14.24
N GLU A 126 11.07 26.41 -14.16
CA GLU A 126 10.58 27.63 -13.53
C GLU A 126 10.58 27.53 -12.01
N HIS A 127 11.17 26.47 -11.48
CA HIS A 127 11.41 26.35 -10.04
C HIS A 127 12.64 27.16 -9.64
N LEU A 128 13.41 27.58 -10.64
CA LEU A 128 14.59 28.41 -10.41
C LEU A 128 14.18 29.88 -10.32
N THR A 129 12.87 30.11 -10.40
CA THR A 129 12.28 31.43 -10.24
C THR A 129 11.64 31.51 -8.86
N GLU A 130 11.71 32.67 -8.21
CA GLU A 130 11.16 32.82 -6.87
C GLU A 130 9.65 32.58 -6.85
N GLU A 131 8.98 32.98 -7.93
CA GLU A 131 7.56 32.73 -8.08
C GLU A 131 7.30 31.23 -8.14
N GLY A 132 8.05 30.55 -8.99
CA GLY A 132 7.96 29.11 -9.13
C GLY A 132 8.22 28.43 -7.81
N LEU A 133 9.27 28.86 -7.12
CA LEU A 133 9.60 28.34 -5.80
C LEU A 133 8.44 28.48 -4.83
N ASN A 134 7.88 29.68 -4.74
CA ASN A 134 6.74 29.92 -3.86
C ASN A 134 5.55 29.01 -4.18
N GLN A 135 5.26 28.86 -5.47
CA GLN A 135 4.18 28.00 -5.91
C GLN A 135 4.42 26.54 -5.48
N ILE A 136 5.64 26.06 -5.73
CA ILE A 136 6.04 24.72 -5.32
C ILE A 136 5.87 24.55 -3.82
N LEU A 137 6.13 25.62 -3.07
CA LEU A 137 5.95 25.55 -1.62
C LEU A 137 4.47 25.46 -1.26
N THR A 138 3.59 26.12 -2.02
CA THR A 138 2.16 25.93 -1.80
C THR A 138 1.80 24.47 -2.06
N LEU A 139 2.45 23.86 -3.06
CA LEU A 139 2.18 22.48 -3.40
C LEU A 139 2.62 21.51 -2.30
N LYS A 140 3.83 21.72 -1.79
CA LYS A 140 4.34 20.88 -0.69
C LYS A 140 3.55 21.12 0.59
N ALA A 141 2.95 22.29 0.70
CA ALA A 141 2.19 22.65 1.89
C ALA A 141 1.00 21.72 2.11
N SER A 142 0.46 21.19 1.01
CA SER A 142 -0.68 20.28 1.08
C SER A 142 -0.28 18.83 0.79
N LEU A 143 1.02 18.60 0.62
CA LEU A 143 1.52 17.26 0.28
C LEU A 143 1.93 16.48 1.53
N ASN A 144 1.32 15.32 1.72
CA ASN A 144 1.58 14.47 2.88
C ASN A 144 1.50 15.22 4.21
N LEU A 145 2.66 15.44 4.82
CA LEU A 145 2.73 16.05 6.14
C LEU A 145 2.86 17.56 6.09
N GLY A 146 2.90 18.11 4.88
CA GLY A 146 2.95 19.55 4.70
C GLY A 146 4.29 20.15 5.07
N LEU A 147 4.29 21.46 5.33
CA LEU A 147 5.51 22.19 5.59
C LEU A 147 5.99 22.09 7.03
N SER A 148 7.29 21.89 7.19
CA SER A 148 7.92 21.93 8.50
C SER A 148 7.87 23.34 9.07
N GLU A 149 8.13 23.48 10.37
CA GLU A 149 8.16 24.78 10.99
C GLU A 149 9.25 25.67 10.37
N GLU A 150 10.36 25.03 10.01
CA GLU A 150 11.47 25.74 9.39
C GLU A 150 11.09 26.34 8.04
N LEU A 151 10.42 25.53 7.22
CA LEU A 151 9.94 26.00 5.92
C LEU A 151 8.81 27.01 6.09
N LYS A 152 8.04 26.84 7.15
CA LYS A 152 6.95 27.77 7.45
C LYS A 152 7.49 29.16 7.75
N GLU A 153 8.54 29.23 8.55
CA GLU A 153 9.13 30.52 8.91
C GLU A 153 10.01 31.07 7.80
N ALA A 154 10.52 30.19 6.94
CA ALA A 154 11.34 30.62 5.80
C ALA A 154 10.46 31.19 4.69
N PHE A 155 9.24 30.69 4.57
CA PHE A 155 8.30 31.18 3.59
C PHE A 155 6.97 31.51 4.27
N PRO A 156 6.91 32.67 4.93
CA PRO A 156 5.79 33.09 5.78
C PRO A 156 4.45 33.15 5.03
N ASN A 157 3.42 32.59 5.64
CA ASN A 157 2.04 32.72 5.16
C ASN A 157 1.82 32.23 3.75
N THR A 158 2.51 31.17 3.36
CA THR A 158 2.26 30.54 2.07
C THR A 158 0.90 29.85 2.12
N ILE A 159 0.13 29.99 1.04
CA ILE A 159 -1.22 29.45 0.99
C ILE A 159 -1.22 28.03 0.42
N PRO A 160 -1.52 27.03 1.26
CA PRO A 160 -1.57 25.63 0.83
C PRO A 160 -2.40 25.45 -0.43
N ALA A 161 -1.87 24.72 -1.41
CA ALA A 161 -2.61 24.46 -2.63
C ALA A 161 -3.87 23.66 -2.34
N GLU A 162 -4.90 23.84 -3.15
CA GLU A 162 -6.14 23.08 -2.98
C GLU A 162 -5.90 21.59 -3.19
N ARG A 163 -6.27 20.79 -2.21
CA ARG A 163 -6.07 19.36 -2.27
C ARG A 163 -7.37 18.65 -2.68
N LEU A 164 -7.32 17.94 -3.81
CA LEU A 164 -8.48 17.21 -4.30
C LEU A 164 -8.92 16.12 -3.32
N LEU A 165 -10.18 16.15 -2.93
CA LEU A 165 -10.73 15.09 -2.08
C LEU A 165 -11.18 13.95 -2.98
N VAL A 166 -10.48 12.82 -2.89
CA VAL A 166 -10.77 11.69 -3.76
C VAL A 166 -12.01 10.94 -3.28
N THR A 167 -13.10 11.09 -4.03
CA THR A 167 -14.36 10.46 -3.69
C THR A 167 -14.94 9.72 -4.89
N GLY A 168 -15.85 8.79 -4.62
CA GLY A 168 -16.51 8.03 -5.66
C GLY A 168 -15.54 7.23 -6.51
N GLN A 169 -14.62 6.54 -5.85
CA GLN A 169 -13.61 5.75 -6.54
C GLN A 169 -14.07 4.31 -6.74
N GLU A 170 -14.32 3.95 -8.00
CA GLU A 170 -14.71 2.58 -8.33
C GLU A 170 -13.46 1.73 -8.55
N ILE A 171 -13.53 0.46 -8.17
CA ILE A 171 -12.42 -0.47 -8.35
C ILE A 171 -12.11 -0.62 -9.84
N PRO A 172 -10.91 -0.19 -10.26
CA PRO A 172 -10.53 -0.18 -11.67
C PRO A 172 -10.26 -1.57 -12.25
N ASP A 173 -9.73 -2.47 -11.43
CA ASP A 173 -9.30 -3.77 -11.90
C ASP A 173 -9.08 -4.70 -10.71
N SER A 174 -9.22 -6.01 -10.93
CA SER A 174 -9.06 -6.98 -9.85
C SER A 174 -7.60 -7.08 -9.41
N ASN A 175 -6.69 -6.86 -10.35
CA ASN A 175 -5.27 -6.83 -10.05
C ASN A 175 -4.92 -5.65 -9.14
N TRP A 176 -5.71 -4.58 -9.21
CA TRP A 176 -5.53 -3.47 -8.27
C TRP A 176 -5.78 -3.96 -6.86
N VAL A 177 -6.84 -4.74 -6.68
CA VAL A 177 -7.15 -5.33 -5.40
C VAL A 177 -6.00 -6.24 -4.98
N ALA A 178 -5.50 -7.06 -5.91
CA ALA A 178 -4.39 -7.96 -5.60
C ALA A 178 -3.15 -7.22 -5.07
N GLY A 179 -2.77 -6.14 -5.74
CA GLY A 179 -1.61 -5.37 -5.31
C GLY A 179 -1.87 -4.67 -3.98
N PHE A 180 -3.08 -4.15 -3.83
CA PHE A 180 -3.45 -3.42 -2.63
C PHE A 180 -3.47 -4.32 -1.39
N THR A 181 -4.01 -5.54 -1.49
CA THR A 181 -3.97 -6.42 -0.33
C THR A 181 -2.57 -6.99 -0.17
N ALA A 182 -1.83 -7.08 -1.27
CA ALA A 182 -0.42 -7.45 -1.17
C ALA A 182 0.33 -6.42 -0.33
N GLY A 183 -0.18 -5.19 -0.31
CA GLY A 183 0.40 -4.16 0.51
C GLY A 183 -0.13 -4.03 1.94
N GLU A 184 -1.45 -4.04 2.08
CA GLU A 184 -2.10 -3.76 3.36
C GLU A 184 -2.84 -4.95 3.93
N GLY A 185 -2.95 -6.01 3.15
CA GLY A 185 -3.75 -7.15 3.53
C GLY A 185 -3.11 -8.05 4.57
N SER A 186 -3.90 -8.96 5.11
CA SER A 186 -3.43 -9.89 6.12
C SER A 186 -4.26 -11.16 6.10
N PHE A 187 -3.59 -12.27 5.83
CA PHE A 187 -4.21 -13.58 5.92
C PHE A 187 -3.70 -14.25 7.19
N TYR A 188 -4.54 -14.33 8.22
CA TYR A 188 -4.06 -14.97 9.44
C TYR A 188 -5.09 -15.91 10.08
N ILE A 189 -4.61 -16.76 10.96
CA ILE A 189 -5.43 -17.73 11.66
C ILE A 189 -5.58 -17.38 13.14
N ARG A 190 -6.82 -17.19 13.58
CA ARG A 190 -7.09 -16.79 14.95
C ARG A 190 -7.40 -17.99 15.83
N ILE A 191 -6.60 -18.18 16.87
CA ILE A 191 -6.82 -19.25 17.85
C ILE A 191 -7.26 -18.65 19.17
N ALA A 192 -8.52 -18.86 19.53
CA ALA A 192 -9.08 -18.26 20.74
C ALA A 192 -9.26 -19.28 21.87
N LYS A 193 -8.85 -18.92 23.07
CA LYS A 193 -9.01 -19.77 24.23
C LYS A 193 -10.48 -19.82 24.64
N ASN A 194 -11.20 -20.86 24.19
CA ASN A 194 -12.60 -21.02 24.51
C ASN A 194 -12.89 -22.36 25.18
N SER A 195 -13.44 -22.31 26.39
CA SER A 195 -13.73 -23.52 27.15
C SER A 195 -14.95 -24.26 26.62
N THR A 196 -15.80 -23.53 25.90
CA THR A 196 -16.99 -24.13 25.30
C THR A 196 -16.62 -25.16 24.23
N LEU A 197 -15.42 -25.03 23.69
CA LEU A 197 -14.93 -25.96 22.68
C LEU A 197 -14.29 -27.17 23.35
N LYS A 198 -14.70 -28.37 22.92
CA LYS A 198 -14.21 -29.60 23.52
C LYS A 198 -12.72 -29.80 23.24
N THR A 199 -12.21 -29.08 22.24
CA THR A 199 -10.79 -29.15 21.92
C THR A 199 -10.03 -28.05 22.65
N GLY A 200 -10.77 -27.14 23.28
CA GLY A 200 -10.17 -26.12 24.12
C GLY A 200 -9.96 -24.78 23.42
N TYR A 201 -9.99 -24.78 22.10
CA TYR A 201 -9.75 -23.56 21.34
C TYR A 201 -10.66 -23.43 20.11
N GLN A 202 -11.06 -22.20 19.80
CA GLN A 202 -11.74 -21.92 18.55
C GLN A 202 -10.72 -21.55 17.48
N VAL A 203 -10.88 -22.15 16.30
CA VAL A 203 -9.99 -21.88 15.18
C VAL A 203 -10.75 -21.14 14.08
N GLN A 204 -10.26 -19.95 13.73
CA GLN A 204 -10.90 -19.15 12.69
C GLN A 204 -9.93 -18.75 11.58
N SER A 205 -10.39 -18.83 10.34
CA SER A 205 -9.62 -18.29 9.23
C SER A 205 -10.04 -16.84 9.01
N VAL A 206 -9.06 -15.95 8.94
CA VAL A 206 -9.38 -14.52 8.85
C VAL A 206 -8.64 -13.81 7.72
N PHE A 207 -9.40 -13.16 6.85
CA PHE A 207 -8.84 -12.27 5.86
C PHE A 207 -9.07 -10.82 6.31
N GLN A 208 -8.12 -9.94 6.03
CA GLN A 208 -8.20 -8.58 6.54
C GLN A 208 -7.52 -7.56 5.62
N ILE A 209 -8.05 -6.35 5.59
CA ILE A 209 -7.38 -5.23 4.93
C ILE A 209 -7.47 -3.98 5.80
N THR A 210 -6.33 -3.35 6.06
CA THR A 210 -6.31 -2.19 6.95
C THR A 210 -6.04 -0.89 6.18
N GLN A 211 -6.78 0.16 6.52
CA GLN A 211 -6.57 1.48 5.93
C GLN A 211 -7.05 2.57 6.87
N ASP A 212 -6.43 3.75 6.80
CA ASP A 212 -6.88 4.89 7.58
C ASP A 212 -8.32 5.23 7.21
N THR A 213 -9.04 5.89 8.13
CA THR A 213 -10.46 6.17 7.92
C THR A 213 -10.70 7.10 6.72
N ARG A 214 -9.67 7.82 6.29
CA ARG A 214 -9.76 8.75 5.16
C ARG A 214 -10.31 8.09 3.90
N ASP A 215 -10.14 6.77 3.77
CA ASP A 215 -10.64 6.05 2.61
C ASP A 215 -11.65 4.96 3.00
N ILE A 216 -12.37 5.18 4.10
CA ILE A 216 -13.35 4.21 4.55
C ILE A 216 -14.35 3.91 3.43
N GLU A 217 -14.78 4.95 2.72
CA GLU A 217 -15.65 4.80 1.57
C GLU A 217 -15.12 3.74 0.62
N LEU A 218 -13.85 3.90 0.23
CA LEU A 218 -13.22 2.94 -0.66
C LEU A 218 -13.34 1.54 -0.10
N MET A 219 -13.01 1.40 1.18
CA MET A 219 -13.10 0.11 1.86
C MET A 219 -14.50 -0.46 1.75
N LYS A 220 -15.50 0.40 1.96
CA LYS A 220 -16.88 -0.03 1.84
C LYS A 220 -17.14 -0.45 0.39
N ASN A 221 -16.68 0.37 -0.54
CA ASN A 221 -16.83 0.06 -1.96
C ASN A 221 -16.04 -1.20 -2.31
N LEU A 222 -15.10 -1.55 -1.45
CA LEU A 222 -14.31 -2.76 -1.65
C LEU A 222 -15.12 -3.98 -1.21
N ILE A 223 -15.88 -3.83 -0.12
CA ILE A 223 -16.71 -4.90 0.38
C ILE A 223 -17.71 -5.33 -0.68
N SER A 224 -18.42 -4.34 -1.23
CA SER A 224 -19.35 -4.58 -2.33
C SER A 224 -18.66 -5.27 -3.50
N TYR A 225 -17.37 -4.99 -3.68
CA TYR A 225 -16.62 -5.59 -4.78
C TYR A 225 -16.36 -7.05 -4.52
N LEU A 226 -16.16 -7.40 -3.25
CA LEU A 226 -15.86 -8.79 -2.89
C LEU A 226 -17.11 -9.50 -2.37
N ASN A 227 -18.20 -8.75 -2.25
CA ASN A 227 -19.49 -9.27 -1.80
C ASN A 227 -19.40 -9.99 -0.46
N CYS A 228 -18.47 -9.55 0.39
CA CYS A 228 -18.31 -10.11 1.73
C CYS A 228 -17.41 -9.21 2.56
N GLY A 229 -17.51 -9.34 3.87
CA GLY A 229 -16.68 -8.57 4.79
C GLY A 229 -17.46 -7.62 5.65
N ASN A 230 -16.88 -7.27 6.80
CA ASN A 230 -17.47 -6.27 7.69
C ASN A 230 -16.47 -5.16 7.98
N ILE A 231 -16.98 -3.95 8.24
CA ILE A 231 -16.13 -2.83 8.58
C ILE A 231 -15.93 -2.72 10.09
N ARG A 232 -14.69 -2.61 10.52
CA ARG A 232 -14.37 -2.44 11.93
C ARG A 232 -13.61 -1.14 12.18
N ILE A 233 -14.09 -0.34 13.13
CA ILE A 233 -13.42 0.90 13.52
C ILE A 233 -12.66 0.69 14.82
N ARG A 234 -11.37 1.00 14.82
CA ARG A 234 -10.52 0.80 16.00
C ARG A 234 -10.66 1.91 17.01
N LYS A 235 -9.93 1.80 18.12
CA LYS A 235 -9.98 2.79 19.19
C LYS A 235 -9.31 4.10 18.78
N THR A 245 -9.21 7.05 13.74
CA THR A 245 -7.99 6.28 13.53
C THR A 245 -8.10 5.35 12.32
N CYS A 246 -7.84 4.06 12.52
CA CYS A 246 -7.82 3.11 11.42
C CYS A 246 -9.12 2.31 11.26
N VAL A 247 -9.29 1.72 10.09
CA VAL A 247 -10.47 0.96 9.71
C VAL A 247 -10.06 -0.34 9.02
N ASP A 248 -10.74 -1.44 9.37
CA ASP A 248 -10.41 -2.75 8.82
C ASP A 248 -11.59 -3.40 8.07
N LEU A 249 -11.28 -3.96 6.91
CA LEU A 249 -12.19 -4.86 6.20
C LEU A 249 -11.90 -6.28 6.67
N VAL A 250 -12.84 -6.88 7.37
CA VAL A 250 -12.62 -8.18 7.99
C VAL A 250 -13.56 -9.26 7.44
N VAL A 251 -12.97 -10.33 6.90
CA VAL A 251 -13.72 -11.49 6.45
C VAL A 251 -13.43 -12.67 7.37
N THR A 252 -14.49 -13.14 8.04
CA THR A 252 -14.38 -14.24 9.00
C THR A 252 -15.33 -15.39 8.66
N ASN A 253 -16.30 -15.12 7.80
CA ASN A 253 -17.23 -16.16 7.36
C ASN A 253 -16.49 -17.19 6.51
N LEU A 254 -16.51 -18.45 6.96
CA LEU A 254 -15.77 -19.52 6.30
C LEU A 254 -16.22 -19.75 4.86
N ASN A 255 -17.51 -19.63 4.62
CA ASN A 255 -18.06 -19.89 3.29
C ASN A 255 -17.67 -18.79 2.31
N ASP A 256 -17.68 -17.54 2.77
CA ASP A 256 -17.21 -16.42 1.96
C ASP A 256 -15.74 -16.59 1.61
N ILE A 257 -14.97 -17.04 2.58
CA ILE A 257 -13.55 -17.29 2.41
C ILE A 257 -13.27 -18.38 1.38
N LYS A 258 -14.00 -19.48 1.49
CA LYS A 258 -13.78 -20.62 0.60
C LYS A 258 -14.34 -20.40 -0.80
N GLU A 259 -15.38 -19.58 -0.91
CA GLU A 259 -16.07 -19.42 -2.18
C GLU A 259 -15.78 -18.10 -2.89
N LYS A 260 -15.42 -17.07 -2.15
CA LYS A 260 -15.17 -15.76 -2.74
C LYS A 260 -13.71 -15.35 -2.69
N ILE A 261 -13.16 -15.25 -1.48
CA ILE A 261 -11.81 -14.75 -1.27
C ILE A 261 -10.73 -15.62 -1.92
N ILE A 262 -10.68 -16.89 -1.51
CA ILE A 262 -9.68 -17.82 -2.04
C ILE A 262 -9.71 -17.93 -3.57
N PRO A 263 -10.90 -18.07 -4.19
CA PRO A 263 -10.85 -18.10 -5.65
C PRO A 263 -10.35 -16.79 -6.25
N PHE A 264 -10.77 -15.67 -5.66
CA PHE A 264 -10.37 -14.35 -6.15
C PHE A 264 -8.86 -14.20 -6.15
N PHE A 265 -8.22 -14.54 -5.05
CA PHE A 265 -6.78 -14.37 -4.94
C PHE A 265 -6.01 -15.53 -5.58
N ASN A 266 -6.73 -16.59 -5.94
CA ASN A 266 -6.15 -17.64 -6.76
C ASN A 266 -6.07 -17.15 -8.20
N LYS A 267 -7.03 -16.33 -8.58
CA LYS A 267 -7.03 -15.71 -9.90
C LYS A 267 -6.12 -14.48 -9.92
N ASN A 268 -6.26 -13.64 -8.90
CA ASN A 268 -5.43 -12.44 -8.78
C ASN A 268 -4.33 -12.64 -7.75
N HIS A 269 -3.12 -12.91 -8.24
CA HIS A 269 -2.02 -13.39 -7.40
C HIS A 269 -1.50 -12.35 -6.41
N ILE A 270 -1.11 -12.84 -5.24
CA ILE A 270 -0.46 -12.03 -4.22
C ILE A 270 1.05 -12.09 -4.39
N ILE A 271 1.69 -10.93 -4.39
CA ILE A 271 3.15 -10.88 -4.54
C ILE A 271 3.83 -10.79 -3.18
N GLY A 272 5.12 -11.14 -3.16
CA GLY A 272 5.91 -11.11 -1.94
C GLY A 272 5.81 -12.38 -1.12
N VAL A 273 6.35 -12.32 0.10
CA VAL A 273 6.28 -13.42 1.06
C VAL A 273 4.85 -13.69 1.50
N LYS A 274 4.03 -12.64 1.44
CA LYS A 274 2.62 -12.73 1.79
C LYS A 274 1.93 -13.78 0.93
N LEU A 275 2.51 -14.09 -0.22
CA LEU A 275 2.02 -15.18 -1.05
C LEU A 275 2.14 -16.50 -0.30
N GLN A 276 3.32 -16.75 0.27
CA GLN A 276 3.56 -17.95 1.07
C GLN A 276 2.61 -18.00 2.25
N ASP A 277 2.48 -16.87 2.93
CA ASP A 277 1.54 -16.75 4.04
C ASP A 277 0.13 -17.15 3.61
N TYR A 278 -0.26 -16.69 2.42
CA TYR A 278 -1.58 -16.96 1.86
C TYR A 278 -1.75 -18.43 1.53
N ARG A 279 -0.68 -19.08 1.08
CA ARG A 279 -0.72 -20.51 0.79
C ARG A 279 -0.97 -21.31 2.07
N ASP A 280 -0.17 -21.03 3.10
CA ASP A 280 -0.34 -21.72 4.37
C ASP A 280 -1.76 -21.47 4.92
N TRP A 281 -2.21 -20.23 4.78
CA TRP A 281 -3.56 -19.84 5.15
C TRP A 281 -4.59 -20.72 4.44
N CYS A 282 -4.40 -20.90 3.14
CA CYS A 282 -5.29 -21.75 2.33
C CYS A 282 -5.34 -23.17 2.87
N LYS A 283 -4.16 -23.72 3.14
CA LYS A 283 -4.05 -25.07 3.68
C LYS A 283 -4.85 -25.20 4.99
N VAL A 284 -4.68 -24.22 5.87
CA VAL A 284 -5.41 -24.22 7.13
C VAL A 284 -6.91 -24.12 6.90
N VAL A 285 -7.33 -23.30 5.94
CA VAL A 285 -8.74 -23.18 5.59
C VAL A 285 -9.31 -24.53 5.18
N THR A 286 -8.57 -25.26 4.36
CA THR A 286 -9.00 -26.60 3.96
C THR A 286 -9.07 -27.54 5.15
N LEU A 287 -8.15 -27.38 6.10
CA LEU A 287 -8.20 -28.18 7.32
C LEU A 287 -9.44 -27.87 8.15
N ILE A 288 -9.86 -26.62 8.15
CA ILE A 288 -11.04 -26.18 8.89
C ILE A 288 -12.31 -26.69 8.21
N ASP A 289 -12.31 -26.70 6.88
CA ASP A 289 -13.46 -27.16 6.12
C ASP A 289 -13.73 -28.65 6.36
N ASN A 290 -12.66 -29.40 6.61
CA ASN A 290 -12.78 -30.82 6.88
C ASN A 290 -12.94 -31.09 8.38
N LYS A 291 -13.21 -30.03 9.13
CA LYS A 291 -13.51 -30.10 10.56
C LYS A 291 -12.41 -30.74 11.40
N GLU A 292 -11.17 -30.67 10.92
CA GLU A 292 -10.03 -31.20 11.67
C GLU A 292 -9.64 -30.27 12.82
N HIS A 293 -10.19 -29.05 12.80
CA HIS A 293 -9.91 -28.07 13.84
C HIS A 293 -10.69 -28.40 15.10
N LEU A 294 -11.64 -29.31 14.98
CA LEU A 294 -12.48 -29.72 16.09
C LEU A 294 -11.81 -30.84 16.89
N THR A 295 -10.74 -31.41 16.33
CA THR A 295 -9.97 -32.44 17.02
C THR A 295 -8.64 -31.89 17.52
N SER A 296 -8.02 -32.60 18.45
CA SER A 296 -6.76 -32.16 19.06
C SER A 296 -5.58 -32.28 18.10
N GLU A 297 -5.53 -33.39 17.37
CA GLU A 297 -4.47 -33.62 16.40
C GLU A 297 -4.43 -32.52 15.35
N GLY A 298 -5.59 -32.24 14.76
CA GLY A 298 -5.72 -31.20 13.76
C GLY A 298 -5.43 -29.82 14.32
N LEU A 299 -5.76 -29.63 15.60
CA LEU A 299 -5.48 -28.36 16.27
C LEU A 299 -3.97 -28.14 16.39
N GLU A 300 -3.26 -29.18 16.80
CA GLU A 300 -1.81 -29.11 16.87
C GLU A 300 -1.20 -28.87 15.49
N LYS A 301 -1.78 -29.51 14.48
CA LYS A 301 -1.33 -29.34 13.10
C LYS A 301 -1.46 -27.87 12.66
N ILE A 302 -2.67 -27.34 12.79
CA ILE A 302 -2.98 -25.97 12.44
C ILE A 302 -2.10 -24.98 13.19
N GLN A 303 -1.91 -25.21 14.49
CA GLN A 303 -1.04 -24.36 15.29
C GLN A 303 0.40 -24.38 14.77
N LYS A 304 0.86 -25.58 14.40
CA LYS A 304 2.20 -25.73 13.84
C LYS A 304 2.35 -24.90 12.56
N ILE A 305 1.32 -24.92 11.72
CA ILE A 305 1.34 -24.13 10.49
C ILE A 305 1.32 -22.63 10.79
N LYS A 306 0.53 -22.24 11.80
CA LYS A 306 0.37 -20.85 12.17
C LYS A 306 1.65 -20.25 12.74
N GLU A 307 2.37 -21.04 13.53
CA GLU A 307 3.60 -20.57 14.16
C GLU A 307 4.68 -20.22 13.14
N GLY A 308 4.55 -20.75 11.91
CA GLY A 308 5.48 -20.46 10.85
C GLY A 308 4.94 -19.47 9.84
N MET A 309 3.85 -18.80 10.21
CA MET A 309 3.22 -17.80 9.34
C MET A 309 3.50 -16.39 9.80
N ASN A 310 3.48 -15.46 8.84
CA ASN A 310 3.57 -14.04 9.13
C ASN A 310 4.76 -13.67 10.01
N ARG A 311 4.48 -13.22 11.23
CA ARG A 311 5.51 -12.78 12.16
C ARG A 311 6.38 -13.94 12.62
N GLY A 312 5.95 -15.17 12.34
CA GLY A 312 6.67 -16.35 12.77
C GLY A 312 7.51 -17.00 11.68
N ARG A 313 7.64 -16.32 10.53
CA ARG A 313 8.43 -16.85 9.43
C ARG A 313 9.89 -16.38 9.55
N SER A 314 10.79 -17.10 8.89
CA SER A 314 12.22 -16.82 8.98
C SER A 314 12.82 -16.42 7.64
N LEU A 315 14.15 -16.32 7.60
CA LEU A 315 14.87 -15.94 6.39
C LEU A 315 14.98 -17.11 5.42
#